data_6DMA
#
_entry.id   6DMA
#
_cell.length_a   57.615
_cell.length_b   57.615
_cell.length_c   130.861
_cell.angle_alpha   90.00
_cell.angle_beta   90.00
_cell.angle_gamma   120.00
#
_symmetry.space_group_name_H-M   'P 32'
#
loop_
_entity.id
_entity.type
_entity.pdbx_description
1 polymer DHD15_closed_A
2 polymer DHD15_closed_B
#
loop_
_entity_poly.entity_id
_entity_poly.type
_entity_poly.pdbx_seq_one_letter_code
_entity_poly.pdbx_strand_id
1 'polypeptide(L)' MTREELLRENIELAKEHIEIMREILELLQKMEELLEKARGADEDVAKTIKELLRRLKEIIERNQRIAKEHEYIARERS A,C,E,G
2 'polypeptide(L)' GTERKLLERSRRLQEESKRLLDEMAEIMRRIKKLLKKARGADEKVLDELRKIIERIRELLDRSRKIHERSEEIAYKEE B,D,F,H
#
# COMPACT_ATOMS: atom_id res chain seq x y z
N GLU A 4 4.60 -1.24 32.03
CA GLU A 4 3.68 -2.32 32.37
C GLU A 4 2.35 -2.14 31.65
N GLU A 5 1.95 -0.89 31.46
CA GLU A 5 0.75 -0.60 30.67
C GLU A 5 0.92 -1.09 29.24
N LEU A 6 2.06 -0.76 28.61
CA LEU A 6 2.31 -1.22 27.26
C LEU A 6 2.48 -2.72 27.21
N LEU A 7 3.25 -3.29 28.14
CA LEU A 7 3.40 -4.74 28.19
C LEU A 7 2.05 -5.43 28.33
N ARG A 8 1.20 -4.91 29.22
CA ARG A 8 -0.17 -5.44 29.32
C ARG A 8 -0.90 -5.30 27.99
N GLU A 9 -0.80 -4.13 27.35
CA GLU A 9 -1.39 -3.97 26.03
C GLU A 9 -0.82 -4.95 25.03
N ASN A 10 0.49 -5.17 25.08
CA ASN A 10 1.13 -6.12 24.18
C ASN A 10 0.50 -7.49 24.29
N ILE A 11 0.27 -7.96 25.52
CA ILE A 11 -0.34 -9.26 25.72
C ILE A 11 -1.71 -9.31 25.03
N GLU A 12 -2.56 -8.32 25.31
CA GLU A 12 -3.89 -8.31 24.72
C GLU A 12 -3.82 -8.25 23.19
N LEU A 13 -2.95 -7.38 22.66
CA LEU A 13 -2.83 -7.25 21.21
C LEU A 13 -2.44 -8.58 20.58
N ALA A 14 -1.40 -9.22 21.12
CA ALA A 14 -0.98 -10.51 20.59
C ALA A 14 -2.12 -11.52 20.63
N LYS A 15 -2.83 -11.60 21.76
CA LYS A 15 -3.95 -12.53 21.87
C LYS A 15 -4.96 -12.30 20.77
N GLU A 16 -5.35 -11.04 20.55
CA GLU A 16 -6.28 -10.72 19.47
C GLU A 16 -5.79 -11.27 18.15
N HIS A 17 -4.51 -11.05 17.84
CA HIS A 17 -3.95 -11.54 16.57
C HIS A 17 -4.15 -13.05 16.45
N ILE A 18 -3.83 -13.80 17.51
CA ILE A 18 -4.03 -15.24 17.49
C ILE A 18 -5.49 -15.56 17.18
N GLU A 19 -6.41 -14.86 17.84
CA GLU A 19 -7.83 -15.06 17.55
C GLU A 19 -8.12 -14.83 16.07
N ILE A 20 -7.62 -13.72 15.53
CA ILE A 20 -7.83 -13.42 14.12
C ILE A 20 -7.42 -14.61 13.26
N MET A 21 -6.19 -15.10 13.46
CA MET A 21 -5.71 -16.20 12.66
C MET A 21 -6.61 -17.43 12.80
N ARG A 22 -7.14 -17.67 14.00
CA ARG A 22 -8.10 -18.75 14.18
C ARG A 22 -9.31 -18.54 13.29
N GLU A 23 -9.97 -17.38 13.41
CA GLU A 23 -11.14 -17.13 12.59
C GLU A 23 -10.80 -17.22 11.10
N ILE A 24 -9.71 -16.57 10.70
CA ILE A 24 -9.31 -16.62 9.30
C ILE A 24 -9.17 -18.07 8.85
N LEU A 25 -8.46 -18.88 9.64
CA LEU A 25 -8.32 -20.29 9.30
C LEU A 25 -9.68 -20.95 9.12
N GLU A 26 -10.63 -20.63 10.02
CA GLU A 26 -11.98 -21.14 9.86
C GLU A 26 -12.58 -20.67 8.54
N LEU A 27 -12.40 -19.40 8.18
CA LEU A 27 -13.00 -18.87 6.97
C LEU A 27 -12.39 -19.51 5.73
N LEU A 28 -11.08 -19.71 5.71
CA LEU A 28 -10.45 -20.37 4.57
C LEU A 28 -11.04 -21.75 4.36
N GLN A 29 -11.26 -22.49 5.45
CA GLN A 29 -11.87 -23.81 5.34
C GLN A 29 -13.26 -23.70 4.71
N LYS A 30 -14.06 -22.73 5.18
CA LYS A 30 -15.36 -22.50 4.56
C LYS A 30 -15.22 -22.23 3.07
N MET A 31 -14.19 -21.46 2.69
CA MET A 31 -13.95 -21.20 1.28
C MET A 31 -13.76 -22.49 0.50
N GLU A 32 -13.03 -23.45 1.08
CA GLU A 32 -12.82 -24.73 0.41
C GLU A 32 -14.15 -25.43 0.15
N GLU A 33 -15.06 -25.40 1.13
CA GLU A 33 -16.37 -26.02 0.96
C GLU A 33 -17.06 -25.49 -0.28
N LEU A 34 -17.07 -24.16 -0.45
CA LEU A 34 -17.74 -23.58 -1.60
C LEU A 34 -16.98 -23.86 -2.88
N LEU A 35 -15.64 -23.85 -2.82
CA LEU A 35 -14.84 -24.21 -3.98
C LEU A 35 -15.25 -25.59 -4.50
N GLU A 36 -15.39 -26.56 -3.59
CA GLU A 36 -15.86 -27.88 -4.00
C GLU A 36 -17.28 -27.82 -4.55
N LYS A 37 -18.17 -27.09 -3.88
CA LYS A 37 -19.56 -26.99 -4.30
C LYS A 37 -19.66 -26.54 -5.74
N ASP A 42 -14.84 -23.82 -13.92
CA ASP A 42 -13.57 -23.88 -14.64
C ASP A 42 -12.56 -24.72 -13.86
N GLU A 43 -11.94 -25.68 -14.55
CA GLU A 43 -10.95 -26.54 -13.90
C GLU A 43 -9.66 -25.77 -13.64
N ASP A 44 -9.21 -24.98 -14.61
CA ASP A 44 -7.99 -24.21 -14.43
C ASP A 44 -8.13 -23.21 -13.28
N VAL A 45 -9.23 -22.46 -13.28
CA VAL A 45 -9.46 -21.48 -12.22
C VAL A 45 -9.48 -22.17 -10.86
N ALA A 46 -10.39 -23.14 -10.69
CA ALA A 46 -10.52 -23.83 -9.41
C ALA A 46 -9.19 -24.44 -8.98
N LYS A 47 -8.46 -25.03 -9.93
CA LYS A 47 -7.15 -25.60 -9.59
C LYS A 47 -6.24 -24.53 -9.02
N THR A 48 -6.13 -23.38 -9.70
CA THR A 48 -5.30 -22.30 -9.18
C THR A 48 -5.79 -21.85 -7.82
N ILE A 49 -7.12 -21.73 -7.65
CA ILE A 49 -7.67 -21.39 -6.34
C ILE A 49 -7.21 -22.40 -5.30
N LYS A 50 -7.52 -23.67 -5.51
CA LYS A 50 -7.20 -24.71 -4.55
C LYS A 50 -5.75 -24.60 -4.10
N GLU A 51 -4.82 -24.42 -5.05
CA GLU A 51 -3.43 -24.23 -4.68
C GLU A 51 -3.25 -22.98 -3.82
N LEU A 52 -3.91 -21.89 -4.21
CA LEU A 52 -3.77 -20.63 -3.46
C LEU A 52 -4.18 -20.81 -2.00
N LEU A 53 -5.34 -21.45 -1.77
CA LEU A 53 -5.78 -21.66 -0.40
C LEU A 53 -4.88 -22.65 0.32
N ARG A 54 -4.38 -23.66 -0.40
CA ARG A 54 -3.37 -24.55 0.18
C ARG A 54 -2.16 -23.75 0.64
N ARG A 55 -1.58 -22.96 -0.27
CA ARG A 55 -0.46 -22.11 0.10
C ARG A 55 -0.85 -21.15 1.21
N LEU A 56 -2.04 -20.54 1.10
CA LEU A 56 -2.51 -19.64 2.15
C LEU A 56 -2.59 -20.35 3.49
N LYS A 57 -3.26 -21.51 3.52
CA LYS A 57 -3.37 -22.29 4.75
C LYS A 57 -2.01 -22.38 5.43
N GLU A 58 -1.01 -22.91 4.72
CA GLU A 58 0.33 -23.03 5.29
C GLU A 58 0.81 -21.71 5.86
N ILE A 59 0.60 -20.61 5.14
CA ILE A 59 1.04 -19.31 5.63
C ILE A 59 0.41 -19.00 6.98
N ILE A 60 -0.91 -19.18 7.09
CA ILE A 60 -1.62 -18.87 8.33
C ILE A 60 -1.04 -19.69 9.48
N GLU A 61 -0.85 -20.99 9.27
CA GLU A 61 -0.30 -21.83 10.33
C GLU A 61 0.99 -21.25 10.87
N ARG A 62 1.93 -20.95 9.98
CA ARG A 62 3.22 -20.39 10.40
C ARG A 62 3.02 -19.11 11.20
N ASN A 63 2.26 -18.16 10.63
CA ASN A 63 1.94 -16.94 11.35
C ASN A 63 1.24 -17.26 12.67
N GLN A 64 0.32 -18.24 12.65
CA GLN A 64 -0.30 -18.68 13.90
C GLN A 64 0.75 -19.01 14.94
N ARG A 65 1.76 -19.81 14.56
CA ARG A 65 2.84 -20.13 15.47
C ARG A 65 3.53 -18.87 15.97
N ILE A 66 3.85 -17.95 15.06
CA ILE A 66 4.54 -16.72 15.44
C ILE A 66 3.74 -15.97 16.50
N ALA A 67 2.44 -15.82 16.28
CA ALA A 67 1.59 -15.10 17.22
C ALA A 67 1.74 -15.66 18.63
N LYS A 68 1.60 -16.97 18.77
CA LYS A 68 1.83 -17.60 20.07
C LYS A 68 3.23 -17.28 20.57
N GLU A 69 4.24 -17.49 19.73
CA GLU A 69 5.63 -17.22 20.13
C GLU A 69 5.76 -15.80 20.66
N HIS A 70 5.20 -14.83 19.95
CA HIS A 70 5.26 -13.45 20.43
C HIS A 70 4.54 -13.31 21.77
N GLU A 71 3.31 -13.82 21.84
CA GLU A 71 2.55 -13.72 23.08
C GLU A 71 3.39 -14.18 24.27
N TYR A 72 4.05 -15.34 24.12
CA TYR A 72 4.96 -15.81 25.15
C TYR A 72 6.04 -14.77 25.42
N ILE A 73 6.68 -14.27 24.36
CA ILE A 73 7.69 -13.23 24.53
C ILE A 73 7.13 -12.08 25.35
N ALA A 74 5.96 -11.57 24.94
CA ALA A 74 5.34 -10.48 25.68
C ALA A 74 5.11 -10.86 27.14
N ARG A 75 4.64 -12.09 27.38
CA ARG A 75 4.46 -12.55 28.76
C ARG A 75 5.78 -12.55 29.50
N GLU A 76 6.83 -13.12 28.89
CA GLU A 76 8.13 -13.13 29.53
C GLU A 76 8.67 -11.72 29.73
N ARG A 77 8.51 -10.87 28.72
CA ARG A 77 9.07 -9.52 28.80
C ARG A 77 8.53 -8.75 30.00
N SER A 78 7.30 -9.06 30.43
CA SER A 78 6.73 -8.44 31.62
C SER A 78 7.47 -8.93 32.86
N THR B 2 19.12 -12.23 29.53
CA THR B 2 19.08 -11.71 28.18
C THR B 2 17.77 -10.99 27.90
N GLU B 3 17.50 -9.93 28.69
CA GLU B 3 16.31 -9.13 28.46
C GLU B 3 16.30 -8.54 27.06
N ARG B 4 17.42 -7.94 26.65
CA ARG B 4 17.53 -7.44 25.28
C ARG B 4 17.29 -8.54 24.27
N LYS B 5 17.55 -9.80 24.63
CA LYS B 5 17.26 -10.92 23.74
C LYS B 5 15.78 -10.97 23.40
N LEU B 6 14.92 -10.76 24.38
CA LEU B 6 13.48 -10.80 24.13
C LEU B 6 13.06 -9.70 23.16
N LEU B 7 13.54 -8.47 23.38
CA LEU B 7 13.20 -7.38 22.48
C LEU B 7 13.66 -7.69 21.06
N GLU B 8 14.91 -8.14 20.90
CA GLU B 8 15.39 -8.51 19.58
C GLU B 8 14.56 -9.64 18.98
N ARG B 9 14.26 -10.66 19.78
CA ARG B 9 13.47 -11.79 19.27
C ARG B 9 12.12 -11.31 18.75
N SER B 10 11.38 -10.56 19.57
CA SER B 10 10.07 -10.07 19.14
C SER B 10 10.19 -9.24 17.87
N ARG B 11 11.17 -8.33 17.82
CA ARG B 11 11.31 -7.45 16.66
C ARG B 11 11.51 -8.26 15.38
N ARG B 12 12.34 -9.30 15.43
CA ARG B 12 12.55 -10.14 14.24
C ARG B 12 11.24 -10.78 13.80
N LEU B 13 10.51 -11.38 14.76
CA LEU B 13 9.26 -12.05 14.41
C LEU B 13 8.29 -11.11 13.72
N GLN B 14 8.13 -9.89 14.25
CA GLN B 14 7.18 -8.95 13.66
C GLN B 14 7.56 -8.61 12.23
N GLU B 15 8.85 -8.48 11.95
CA GLU B 15 9.29 -8.30 10.58
C GLU B 15 8.82 -9.45 9.71
N GLU B 16 9.05 -10.68 10.16
CA GLU B 16 8.59 -11.84 9.39
C GLU B 16 7.08 -11.82 9.24
N SER B 17 6.36 -11.65 10.36
CA SER B 17 4.90 -11.64 10.29
C SER B 17 4.40 -10.57 9.34
N LYS B 18 5.04 -9.40 9.33
CA LYS B 18 4.69 -8.38 8.35
C LYS B 18 4.82 -8.92 6.93
N ARG B 19 5.92 -9.61 6.64
CA ARG B 19 6.07 -10.25 5.34
C ARG B 19 4.90 -11.16 5.03
N LEU B 20 4.46 -11.95 6.01
CA LEU B 20 3.39 -12.91 5.78
C LEU B 20 2.08 -12.21 5.42
N LEU B 21 1.71 -11.18 6.19
CA LEU B 21 0.42 -10.54 5.95
C LEU B 21 0.37 -9.90 4.57
N ASP B 22 1.48 -9.34 4.12
CA ASP B 22 1.55 -8.82 2.75
C ASP B 22 1.31 -9.94 1.75
N GLU B 23 2.04 -11.04 1.89
CA GLU B 23 1.87 -12.17 0.99
C GLU B 23 0.44 -12.68 1.04
N MET B 24 -0.14 -12.80 2.23
CA MET B 24 -1.51 -13.26 2.35
C MET B 24 -2.46 -12.29 1.65
N ALA B 25 -2.39 -11.01 2.01
CA ALA B 25 -3.28 -10.01 1.43
C ALA B 25 -3.25 -10.08 -0.10
N GLU B 26 -2.05 -10.15 -0.68
CA GLU B 26 -1.95 -10.22 -2.13
C GLU B 26 -2.61 -11.49 -2.67
N ILE B 27 -2.44 -12.60 -1.96
CA ILE B 27 -3.08 -13.84 -2.39
C ILE B 27 -4.60 -13.65 -2.42
N MET B 28 -5.16 -13.13 -1.32
CA MET B 28 -6.60 -12.88 -1.28
C MET B 28 -7.02 -11.98 -2.44
N ARG B 29 -6.27 -10.90 -2.68
CA ARG B 29 -6.52 -10.06 -3.84
C ARG B 29 -6.53 -10.90 -5.11
N ARG B 30 -5.50 -11.74 -5.28
CA ARG B 30 -5.44 -12.61 -6.43
C ARG B 30 -6.70 -13.45 -6.56
N ILE B 31 -7.21 -13.96 -5.43
CA ILE B 31 -8.39 -14.82 -5.48
C ILE B 31 -9.59 -14.04 -6.01
N LYS B 32 -9.81 -12.84 -5.49
CA LYS B 32 -10.94 -12.03 -5.92
C LYS B 32 -10.94 -11.86 -7.44
N LYS B 33 -9.79 -11.53 -8.00
CA LYS B 33 -9.68 -11.40 -9.45
C LYS B 33 -9.98 -12.72 -10.14
N LEU B 34 -9.37 -13.81 -9.67
CA LEU B 34 -9.61 -15.12 -10.29
C LEU B 34 -11.07 -15.52 -10.16
N LEU B 35 -11.70 -15.22 -9.02
CA LEU B 35 -13.12 -15.54 -8.86
C LEU B 35 -13.96 -14.83 -9.91
N LYS B 36 -13.74 -13.53 -10.08
CA LYS B 36 -14.49 -12.77 -11.08
C LYS B 36 -14.28 -13.36 -12.48
N LYS B 37 -13.04 -13.75 -12.79
CA LYS B 37 -12.78 -14.45 -14.05
C LYS B 37 -13.55 -15.76 -14.13
N ALA B 38 -14.04 -16.27 -12.99
CA ALA B 38 -14.76 -17.53 -12.96
C ALA B 38 -16.26 -17.26 -13.09
N ARG B 39 -16.67 -16.94 -14.31
CA ARG B 39 -18.10 -16.84 -14.60
C ARG B 39 -18.77 -18.20 -14.58
N GLY B 40 -18.01 -19.29 -14.70
CA GLY B 40 -18.61 -20.60 -14.85
C GLY B 40 -19.34 -21.07 -13.61
N ALA B 41 -18.89 -20.66 -12.43
CA ALA B 41 -19.48 -21.15 -11.20
C ALA B 41 -20.83 -20.50 -10.93
N ASP B 42 -21.57 -21.05 -9.97
CA ASP B 42 -22.85 -20.48 -9.58
C ASP B 42 -22.66 -19.05 -9.08
N GLU B 43 -23.48 -18.14 -9.61
CA GLU B 43 -23.31 -16.73 -9.27
C GLU B 43 -23.52 -16.48 -7.77
N LYS B 44 -24.53 -17.12 -7.19
CA LYS B 44 -24.79 -16.94 -5.76
C LYS B 44 -23.60 -17.38 -4.93
N VAL B 45 -23.08 -18.59 -5.19
CA VAL B 45 -21.93 -19.07 -4.44
C VAL B 45 -20.73 -18.16 -4.64
N LEU B 46 -20.49 -17.71 -5.87
CA LEU B 46 -19.40 -16.79 -6.13
C LEU B 46 -19.52 -15.55 -5.25
N ASP B 47 -20.73 -15.01 -5.13
CA ASP B 47 -20.95 -13.85 -4.28
C ASP B 47 -20.62 -14.17 -2.83
N GLU B 48 -21.07 -15.32 -2.33
CA GLU B 48 -20.78 -15.71 -0.95
C GLU B 48 -19.29 -15.64 -0.68
N LEU B 49 -18.47 -16.25 -1.55
CA LEU B 49 -17.03 -16.10 -1.44
C LEU B 49 -16.62 -14.64 -1.50
N ARG B 50 -17.32 -13.83 -2.30
CA ARG B 50 -17.05 -12.40 -2.33
C ARG B 50 -17.21 -11.80 -0.94
N LYS B 51 -18.36 -12.02 -0.30
CA LYS B 51 -18.56 -11.55 1.06
C LYS B 51 -17.52 -12.13 2.00
N ILE B 52 -17.25 -13.43 1.88
CA ILE B 52 -16.26 -14.07 2.76
C ILE B 52 -14.90 -13.41 2.61
N ILE B 53 -14.44 -13.25 1.37
CA ILE B 53 -13.09 -12.74 1.15
C ILE B 53 -12.94 -11.34 1.72
N GLU B 54 -13.93 -10.47 1.48
CA GLU B 54 -13.84 -9.11 2.01
C GLU B 54 -13.87 -9.11 3.53
N ARG B 55 -14.54 -10.10 4.14
CA ARG B 55 -14.41 -10.28 5.58
C ARG B 55 -12.97 -10.57 5.96
N ILE B 56 -12.35 -11.52 5.26
CA ILE B 56 -10.95 -11.85 5.52
C ILE B 56 -10.07 -10.63 5.29
N ARG B 57 -10.20 -10.01 4.12
CA ARG B 57 -9.40 -8.83 3.80
C ARG B 57 -9.45 -7.79 4.91
N GLU B 58 -10.66 -7.52 5.41
CA GLU B 58 -10.80 -6.62 6.55
C GLU B 58 -9.95 -7.07 7.72
N LEU B 59 -10.02 -8.35 8.06
CA LEU B 59 -9.25 -8.86 9.19
C LEU B 59 -7.75 -8.67 8.97
N LEU B 60 -7.29 -8.82 7.73
CA LEU B 60 -5.88 -8.60 7.45
C LEU B 60 -5.52 -7.13 7.58
N ASP B 61 -6.41 -6.24 7.14
CA ASP B 61 -6.21 -4.81 7.40
C ASP B 61 -6.09 -4.56 8.90
N ARG B 62 -7.03 -5.10 9.68
CA ARG B 62 -6.96 -4.92 11.13
C ARG B 62 -5.67 -5.51 11.69
N SER B 63 -5.28 -6.69 11.21
CA SER B 63 -4.02 -7.27 11.66
C SER B 63 -2.86 -6.33 11.36
N ARG B 64 -2.84 -5.75 10.16
CA ARG B 64 -1.80 -4.78 9.84
C ARG B 64 -1.79 -3.65 10.87
N LYS B 65 -2.97 -3.22 11.31
CA LYS B 65 -3.03 -2.21 12.36
C LYS B 65 -2.42 -2.72 13.64
N ILE B 66 -2.64 -4.00 13.97
CA ILE B 66 -1.99 -4.59 15.14
C ILE B 66 -0.48 -4.42 15.03
N HIS B 67 0.11 -4.90 13.93
CA HIS B 67 1.55 -4.80 13.75
C HIS B 67 2.02 -3.36 13.86
N GLU B 68 1.38 -2.46 13.11
CA GLU B 68 1.71 -1.04 13.21
C GLU B 68 1.75 -0.60 14.66
N ARG B 69 0.70 -0.92 15.42
CA ARG B 69 0.69 -0.59 16.84
C ARG B 69 1.82 -1.30 17.56
N SER B 70 1.91 -2.63 17.40
CA SER B 70 2.95 -3.38 18.10
C SER B 70 4.34 -2.84 17.81
N GLU B 71 4.59 -2.43 16.56
CA GLU B 71 5.88 -1.84 16.22
C GLU B 71 6.13 -0.56 17.01
N GLU B 72 5.10 0.26 17.18
CA GLU B 72 5.24 1.46 18.00
C GLU B 72 5.68 1.10 19.41
N ILE B 73 4.96 0.18 20.06
CA ILE B 73 5.30 -0.22 21.41
C ILE B 73 6.74 -0.73 21.47
N ALA B 74 7.10 -1.63 20.54
CA ALA B 74 8.44 -2.21 20.55
C ALA B 74 9.50 -1.15 20.31
N TYR B 75 9.22 -0.20 19.42
CA TYR B 75 10.18 0.86 19.11
C TYR B 75 10.52 1.68 20.35
N GLU C 4 -30.48 -5.26 -9.13
CA GLU C 4 -31.18 -4.29 -8.28
C GLU C 4 -30.72 -4.42 -6.82
N GLU C 5 -30.70 -5.65 -6.32
CA GLU C 5 -30.24 -5.88 -4.96
C GLU C 5 -28.84 -5.33 -4.76
N LEU C 6 -27.94 -5.55 -5.73
CA LEU C 6 -26.62 -4.92 -5.67
C LEU C 6 -26.74 -3.41 -5.81
N LEU C 7 -27.66 -2.95 -6.67
CA LEU C 7 -27.94 -1.52 -6.73
C LEU C 7 -28.34 -0.99 -5.37
N ARG C 8 -29.19 -1.73 -4.65
CA ARG C 8 -29.49 -1.39 -3.26
C ARG C 8 -28.23 -1.47 -2.41
N GLU C 9 -27.40 -2.50 -2.65
CA GLU C 9 -26.15 -2.63 -1.92
C GLU C 9 -25.31 -1.36 -2.03
N ASN C 10 -25.23 -0.80 -3.24
CA ASN C 10 -24.51 0.46 -3.42
C ASN C 10 -25.09 1.54 -2.53
N ILE C 11 -26.43 1.59 -2.43
CA ILE C 11 -27.07 2.60 -1.60
C ILE C 11 -26.65 2.46 -0.15
N GLU C 12 -26.63 1.23 0.36
CA GLU C 12 -26.20 1.02 1.75
C GLU C 12 -24.78 1.52 1.95
N LEU C 13 -23.88 1.27 0.98
CA LEU C 13 -22.47 1.60 1.19
C LEU C 13 -22.26 3.11 1.25
N ALA C 14 -22.90 3.87 0.36
CA ALA C 14 -22.78 5.32 0.40
C ALA C 14 -23.25 5.88 1.74
N LYS C 15 -24.37 5.35 2.24
CA LYS C 15 -24.84 5.76 3.57
C LYS C 15 -23.82 5.39 4.64
N GLU C 16 -23.37 4.14 4.64
CA GLU C 16 -22.30 3.73 5.54
C GLU C 16 -21.10 4.67 5.41
N HIS C 17 -20.66 4.92 4.17
CA HIS C 17 -19.54 5.82 3.92
C HIS C 17 -19.78 7.17 4.57
N ILE C 18 -20.94 7.80 4.30
CA ILE C 18 -21.21 9.12 4.83
C ILE C 18 -21.25 9.08 6.35
N GLU C 19 -21.90 8.06 6.92
CA GLU C 19 -21.96 7.94 8.37
C GLU C 19 -20.56 7.93 8.98
N ILE C 20 -19.64 7.17 8.38
CA ILE C 20 -18.26 7.16 8.84
C ILE C 20 -17.71 8.58 8.87
N MET C 21 -17.77 9.28 7.73
CA MET C 21 -17.26 10.64 7.67
C MET C 21 -17.88 11.52 8.74
N ARG C 22 -19.10 11.20 9.18
CA ARG C 22 -19.69 11.91 10.30
C ARG C 22 -18.92 11.63 11.59
N GLU C 23 -18.68 10.35 11.89
CA GLU C 23 -17.93 10.00 13.09
C GLU C 23 -16.56 10.68 13.09
N ILE C 24 -15.79 10.49 12.02
CA ILE C 24 -14.44 11.05 11.96
C ILE C 24 -14.48 12.55 12.18
N LEU C 25 -15.40 13.25 11.51
CA LEU C 25 -15.49 14.70 11.64
C LEU C 25 -15.63 15.10 13.09
N GLU C 26 -16.58 14.49 13.81
CA GLU C 26 -16.73 14.77 15.23
C GLU C 26 -15.42 14.51 15.98
N LEU C 27 -14.68 13.48 15.57
CA LEU C 27 -13.46 13.14 16.28
C LEU C 27 -12.37 14.17 16.05
N LEU C 28 -12.36 14.83 14.89
CA LEU C 28 -11.42 15.94 14.69
C LEU C 28 -11.69 17.05 15.69
N GLN C 29 -12.95 17.44 15.85
CA GLN C 29 -13.29 18.47 16.82
C GLN C 29 -12.78 18.11 18.21
N LYS C 30 -12.97 16.86 18.62
CA LYS C 30 -12.40 16.41 19.89
C LYS C 30 -10.89 16.61 19.91
N MET C 31 -10.21 16.26 18.81
CA MET C 31 -8.77 16.49 18.73
C MET C 31 -8.44 17.97 18.90
N GLU C 32 -9.12 18.83 18.13
CA GLU C 32 -8.89 20.26 18.26
C GLU C 32 -9.10 20.73 19.69
N GLU C 33 -10.16 20.26 20.35
CA GLU C 33 -10.41 20.64 21.73
C GLU C 33 -9.25 20.26 22.63
N LEU C 34 -8.78 19.02 22.50
CA LEU C 34 -7.72 18.55 23.40
C LEU C 34 -6.41 19.31 23.17
N LEU C 35 -6.15 19.72 21.94
CA LEU C 35 -4.96 20.53 21.67
C LEU C 35 -5.05 21.87 22.38
N GLU C 36 -6.20 22.54 22.27
CA GLU C 36 -6.40 23.77 23.03
C GLU C 36 -6.24 23.53 24.52
N LYS C 37 -6.71 22.36 24.99
CA LYS C 37 -6.60 22.03 26.40
C LYS C 37 -5.16 21.76 26.80
N ALA C 38 -4.43 21.00 25.98
CA ALA C 38 -3.13 20.49 26.38
C ALA C 38 -2.04 21.53 26.22
N ARG C 39 -1.08 21.49 27.13
CA ARG C 39 0.07 22.39 27.11
C ARG C 39 1.33 21.62 27.46
N GLY C 40 1.47 20.41 26.92
CA GLY C 40 2.63 19.59 27.14
C GLY C 40 3.57 19.47 25.96
N ALA C 41 3.41 20.28 24.92
CA ALA C 41 4.24 20.20 23.74
C ALA C 41 4.56 21.61 23.25
N ASP C 42 5.66 21.72 22.54
CA ASP C 42 6.11 23.02 22.04
C ASP C 42 5.08 23.60 21.07
N GLU C 43 5.12 24.93 20.95
CA GLU C 43 4.21 25.61 20.03
C GLU C 43 4.31 25.04 18.63
N ASP C 44 5.52 24.70 18.18
CA ASP C 44 5.70 24.15 16.84
C ASP C 44 4.85 22.90 16.66
N VAL C 45 4.99 21.92 17.57
CA VAL C 45 4.26 20.67 17.47
C VAL C 45 2.76 20.96 17.46
N ALA C 46 2.24 21.47 18.58
CA ALA C 46 0.81 21.71 18.69
C ALA C 46 0.29 22.55 17.54
N LYS C 47 0.96 23.67 17.25
CA LYS C 47 0.54 24.51 16.14
C LYS C 47 0.54 23.72 14.84
N THR C 48 1.57 22.91 14.60
CA THR C 48 1.62 22.09 13.40
C THR C 48 0.40 21.17 13.34
N ILE C 49 0.07 20.52 14.46
CA ILE C 49 -1.10 19.65 14.47
C ILE C 49 -2.35 20.46 14.14
N LYS C 50 -2.56 21.57 14.86
CA LYS C 50 -3.69 22.44 14.55
C LYS C 50 -3.76 22.73 13.05
N GLU C 51 -2.61 22.96 12.43
CA GLU C 51 -2.56 23.07 10.98
C GLU C 51 -3.15 21.81 10.32
N LEU C 52 -2.66 20.64 10.74
CA LEU C 52 -3.11 19.39 10.14
C LEU C 52 -4.62 19.21 10.29
N LEU C 53 -5.14 19.47 11.50
CA LEU C 53 -6.56 19.24 11.75
C LEU C 53 -7.42 20.19 10.92
N ARG C 54 -7.06 21.48 10.90
CA ARG C 54 -7.81 22.43 10.08
C ARG C 54 -7.83 21.97 8.62
N ARG C 55 -6.68 21.63 8.07
CA ARG C 55 -6.62 21.13 6.70
C ARG C 55 -7.45 19.86 6.55
N LEU C 56 -7.28 18.91 7.48
CA LEU C 56 -8.06 17.69 7.44
C LEU C 56 -9.55 18.00 7.50
N LYS C 57 -9.97 18.79 8.50
CA LYS C 57 -11.37 19.17 8.62
C LYS C 57 -11.89 19.74 7.31
N GLU C 58 -11.15 20.67 6.71
CA GLU C 58 -11.51 21.18 5.40
C GLU C 58 -11.63 20.04 4.40
N ILE C 59 -10.66 19.12 4.39
CA ILE C 59 -10.70 18.00 3.45
C ILE C 59 -11.87 17.08 3.79
N ILE C 60 -12.10 16.81 5.06
CA ILE C 60 -13.22 15.95 5.45
C ILE C 60 -14.51 16.49 4.84
N GLU C 61 -14.83 17.75 5.13
CA GLU C 61 -16.07 18.36 4.63
C GLU C 61 -16.18 18.20 3.13
N ARG C 62 -15.07 18.41 2.41
CA ARG C 62 -15.07 18.20 0.97
C ARG C 62 -15.53 16.79 0.64
N ASN C 63 -14.80 15.79 1.11
CA ASN C 63 -15.17 14.40 0.81
C ASN C 63 -16.59 14.10 1.30
N GLN C 64 -16.94 14.55 2.50
CA GLN C 64 -18.29 14.37 3.00
C GLN C 64 -19.31 14.89 1.98
N ARG C 65 -19.11 16.12 1.50
CA ARG C 65 -19.98 16.68 0.47
C ARG C 65 -19.96 15.79 -0.77
N ILE C 66 -18.78 15.31 -1.16
CA ILE C 66 -18.68 14.43 -2.32
C ILE C 66 -19.52 13.19 -2.11
N ALA C 67 -19.40 12.57 -0.93
CA ALA C 67 -20.19 11.38 -0.63
C ALA C 67 -21.68 11.67 -0.75
N LYS C 68 -22.11 12.84 -0.27
CA LYS C 68 -23.51 13.25 -0.45
C LYS C 68 -23.86 13.27 -1.92
N GLU C 69 -23.05 13.95 -2.74
CA GLU C 69 -23.29 13.95 -4.18
C GLU C 69 -23.34 12.54 -4.73
N HIS C 70 -22.43 11.67 -4.30
CA HIS C 70 -22.49 10.28 -4.71
C HIS C 70 -23.80 9.64 -4.28
N GLU C 71 -24.17 9.84 -3.01
CA GLU C 71 -25.47 9.36 -2.52
C GLU C 71 -26.57 9.72 -3.51
N TYR C 72 -26.62 10.99 -3.92
CA TYR C 72 -27.56 11.39 -4.94
C TYR C 72 -27.30 10.67 -6.25
N ILE C 73 -26.07 10.81 -6.78
CA ILE C 73 -25.75 10.22 -8.08
C ILE C 73 -26.07 8.74 -8.10
N ALA C 74 -25.64 8.02 -7.07
CA ALA C 74 -25.97 6.59 -6.96
C ALA C 74 -27.48 6.41 -6.89
N ARG C 75 -28.18 7.26 -6.15
CA ARG C 75 -29.63 7.17 -6.07
C ARG C 75 -30.26 7.26 -7.45
N GLU C 76 -29.77 8.18 -8.28
CA GLU C 76 -30.27 8.32 -9.65
C GLU C 76 -30.02 7.03 -10.43
N LYS D 5 -23.45 8.65 -18.09
CA LYS D 5 -23.24 10.02 -17.60
C LYS D 5 -23.19 10.02 -16.07
N LEU D 6 -24.30 9.61 -15.45
CA LEU D 6 -24.35 9.57 -13.99
C LEU D 6 -23.24 8.69 -13.44
N LEU D 7 -23.04 7.50 -14.01
CA LEU D 7 -21.98 6.63 -13.55
C LEU D 7 -20.61 7.26 -13.76
N GLU D 8 -20.44 7.99 -14.88
CA GLU D 8 -19.17 8.67 -15.12
C GLU D 8 -18.84 9.63 -13.99
N ARG D 9 -19.78 10.50 -13.63
CA ARG D 9 -19.56 11.41 -12.51
C ARG D 9 -19.30 10.63 -11.22
N SER D 10 -20.08 9.56 -10.98
CA SER D 10 -19.82 8.70 -9.84
C SER D 10 -18.40 8.15 -9.89
N ARG D 11 -17.98 7.65 -11.05
CA ARG D 11 -16.62 7.16 -11.21
C ARG D 11 -15.61 8.26 -10.88
N ARG D 12 -15.83 9.47 -11.43
CA ARG D 12 -14.97 10.59 -11.10
C ARG D 12 -14.94 10.83 -9.60
N LEU D 13 -16.12 10.87 -8.97
CA LEU D 13 -16.18 11.04 -7.53
C LEU D 13 -15.43 9.93 -6.80
N GLN D 14 -15.61 8.68 -7.23
CA GLN D 14 -14.96 7.56 -6.56
C GLN D 14 -13.44 7.69 -6.65
N GLU D 15 -12.91 7.87 -7.85
CA GLU D 15 -11.47 8.00 -8.02
C GLU D 15 -10.95 9.17 -7.19
N GLU D 16 -11.60 10.34 -7.30
CA GLU D 16 -11.18 11.49 -6.52
C GLU D 16 -11.32 11.22 -5.03
N SER D 17 -12.42 10.57 -4.61
CA SER D 17 -12.60 10.27 -3.20
C SER D 17 -11.50 9.35 -2.69
N LYS D 18 -11.17 8.30 -3.45
CA LYS D 18 -10.09 7.42 -3.07
C LYS D 18 -8.79 8.20 -2.89
N ARG D 19 -8.48 9.11 -3.82
CA ARG D 19 -7.34 9.99 -3.64
C ARG D 19 -7.45 10.78 -2.35
N LEU D 20 -8.64 11.33 -2.08
CA LEU D 20 -8.85 12.10 -0.86
C LEU D 20 -8.48 11.27 0.37
N LEU D 21 -9.00 10.04 0.45
CA LEU D 21 -8.74 9.22 1.64
C LEU D 21 -7.24 9.00 1.83
N ASP D 22 -6.53 8.70 0.74
CA ASP D 22 -5.08 8.51 0.85
C ASP D 22 -4.41 9.72 1.50
N GLU D 23 -4.83 10.92 1.10
CA GLU D 23 -4.28 12.13 1.68
C GLU D 23 -4.53 12.17 3.18
N MET D 24 -5.76 11.87 3.61
CA MET D 24 -6.10 11.91 5.02
C MET D 24 -5.27 10.89 5.79
N ALA D 25 -5.18 9.66 5.29
CA ALA D 25 -4.38 8.63 5.95
C ALA D 25 -2.96 9.11 6.18
N GLU D 26 -2.37 9.77 5.18
CA GLU D 26 -1.01 10.27 5.33
C GLU D 26 -0.94 11.29 6.47
N ILE D 27 -1.92 12.19 6.55
CA ILE D 27 -1.95 13.15 7.64
C ILE D 27 -1.96 12.42 8.97
N MET D 28 -2.87 11.45 9.12
CA MET D 28 -3.00 10.74 10.39
C MET D 28 -1.68 10.11 10.80
N ARG D 29 -0.96 9.49 9.86
CA ARG D 29 0.35 8.95 10.17
C ARG D 29 1.30 10.07 10.62
N ARG D 30 1.27 11.20 9.90
CA ARG D 30 2.10 12.34 10.28
C ARG D 30 1.72 12.84 11.67
N ILE D 31 0.42 12.91 11.95
CA ILE D 31 -0.03 13.35 13.28
C ILE D 31 0.48 12.39 14.34
N LYS D 32 0.34 11.08 14.11
CA LYS D 32 0.84 10.10 15.05
C LYS D 32 2.32 10.33 15.37
N LYS D 33 3.11 10.58 14.33
CA LYS D 33 4.53 10.90 14.55
C LYS D 33 4.66 12.13 15.43
N LEU D 34 3.92 13.19 15.10
CA LEU D 34 3.98 14.40 15.91
C LEU D 34 3.49 14.14 17.33
N LEU D 35 2.40 13.37 17.47
CA LEU D 35 1.90 13.04 18.80
C LEU D 35 2.98 12.33 19.62
N LYS D 36 3.64 11.35 19.04
CA LYS D 36 4.73 10.66 19.74
C LYS D 36 5.82 11.65 20.13
N LYS D 37 6.17 12.56 19.24
CA LYS D 37 7.19 13.57 19.51
C LYS D 37 6.72 14.49 20.63
N GLU D 43 0.06 12.82 30.53
CA GLU D 43 0.11 11.98 29.35
C GLU D 43 -1.24 11.34 29.06
N LYS D 44 -2.25 11.69 29.87
CA LYS D 44 -3.59 11.14 29.67
C LYS D 44 -4.19 11.65 28.37
N VAL D 45 -4.11 12.96 28.14
CA VAL D 45 -4.66 13.53 26.92
C VAL D 45 -3.97 12.94 25.70
N LEU D 46 -2.65 12.79 25.75
CA LEU D 46 -1.92 12.20 24.63
C LEU D 46 -2.43 10.81 24.32
N ASP D 47 -2.58 9.97 25.36
CA ASP D 47 -3.12 8.63 25.16
C ASP D 47 -4.52 8.69 24.54
N GLU D 48 -5.36 9.60 25.02
CA GLU D 48 -6.68 9.77 24.41
C GLU D 48 -6.56 10.15 22.94
N LEU D 49 -5.73 11.14 22.63
CA LEU D 49 -5.51 11.51 21.24
C LEU D 49 -5.01 10.32 20.43
N ARG D 50 -4.00 9.62 20.94
CA ARG D 50 -3.51 8.41 20.29
C ARG D 50 -4.63 7.42 20.04
N LYS D 51 -5.47 7.18 21.06
CA LYS D 51 -6.61 6.29 20.87
C LYS D 51 -7.55 6.82 19.80
N ILE D 52 -7.87 8.12 19.86
CA ILE D 52 -8.77 8.71 18.86
C ILE D 52 -8.22 8.49 17.46
N ILE D 53 -6.91 8.73 17.27
CA ILE D 53 -6.31 8.56 15.96
C ILE D 53 -6.44 7.12 15.50
N GLU D 54 -6.06 6.17 16.35
CA GLU D 54 -6.15 4.76 15.98
C GLU D 54 -7.58 4.37 15.64
N ARG D 55 -8.56 4.91 16.37
CA ARG D 55 -9.96 4.75 15.97
C ARG D 55 -10.17 5.28 14.56
N ILE D 56 -9.63 6.48 14.28
CA ILE D 56 -9.82 7.09 12.97
C ILE D 56 -9.21 6.21 11.88
N ARG D 57 -7.96 5.77 12.08
CA ARG D 57 -7.29 4.98 11.06
C ARG D 57 -8.07 3.72 10.75
N GLU D 58 -8.60 3.05 11.78
CA GLU D 58 -9.45 1.89 11.52
C GLU D 58 -10.66 2.28 10.69
N LEU D 59 -11.29 3.41 11.01
CA LEU D 59 -12.42 3.88 10.22
C LEU D 59 -12.03 4.12 8.77
N LEU D 60 -10.86 4.74 8.55
CA LEU D 60 -10.43 5.03 7.19
C LEU D 60 -10.17 3.76 6.40
N ASP D 61 -9.56 2.75 7.04
CA ASP D 61 -9.38 1.46 6.37
C ASP D 61 -10.71 0.93 5.88
N ARG D 62 -11.73 0.97 6.75
CA ARG D 62 -13.07 0.55 6.34
C ARG D 62 -13.55 1.37 5.15
N SER D 63 -13.41 2.69 5.22
CA SER D 63 -13.83 3.53 4.11
C SER D 63 -13.08 3.17 2.84
N ARG D 64 -11.76 2.97 2.93
CA ARG D 64 -10.98 2.52 1.78
C ARG D 64 -11.55 1.24 1.20
N LYS D 65 -11.93 0.28 2.06
CA LYS D 65 -12.47 -0.97 1.57
C LYS D 65 -13.78 -0.77 0.83
N ILE D 66 -14.62 0.15 1.31
CA ILE D 66 -15.86 0.45 0.62
C ILE D 66 -15.57 0.80 -0.83
N HIS D 67 -14.64 1.74 -1.05
CA HIS D 67 -14.36 2.21 -2.41
C HIS D 67 -13.87 1.08 -3.29
N GLU D 68 -13.08 0.16 -2.73
CA GLU D 68 -12.71 -1.03 -3.49
C GLU D 68 -13.95 -1.80 -3.92
N ARG D 69 -14.87 -2.05 -2.99
CA ARG D 69 -16.11 -2.72 -3.32
C ARG D 69 -16.90 -1.91 -4.35
N SER D 70 -17.06 -0.61 -4.11
CA SER D 70 -17.78 0.23 -5.05
C SER D 70 -17.11 0.21 -6.43
N GLU D 71 -15.79 0.34 -6.47
CA GLU D 71 -15.08 0.25 -7.74
C GLU D 71 -15.37 -1.07 -8.44
N GLU D 72 -15.39 -2.17 -7.67
CA GLU D 72 -15.77 -3.46 -8.23
C GLU D 72 -17.12 -3.38 -8.93
N ILE D 73 -18.13 -2.85 -8.22
CA ILE D 73 -19.46 -2.71 -8.80
C ILE D 73 -19.40 -1.91 -10.09
N ALA D 74 -18.84 -0.69 -10.02
CA ALA D 74 -18.84 0.20 -11.17
C ALA D 74 -18.22 -0.47 -12.39
N TYR D 75 -17.10 -1.16 -12.20
CA TYR D 75 -16.49 -1.88 -13.32
C TYR D 75 -17.41 -2.99 -13.81
N LYS D 76 -17.99 -3.76 -12.88
CA LYS D 76 -18.82 -4.89 -13.27
C LYS D 76 -20.10 -4.42 -13.96
N GLU D 77 -20.67 -3.30 -13.51
CA GLU D 77 -21.91 -2.80 -14.09
C GLU D 77 -21.63 -1.82 -15.24
N GLU E 4 12.46 -26.19 3.72
CA GLU E 4 12.69 -25.24 2.64
C GLU E 4 11.50 -24.28 2.51
N GLU E 5 11.13 -23.64 3.62
CA GLU E 5 10.04 -22.68 3.58
C GLU E 5 10.39 -21.49 2.71
N LEU E 6 11.64 -21.01 2.79
CA LEU E 6 12.06 -19.89 1.96
C LEU E 6 11.95 -20.24 0.48
N LEU E 7 12.50 -21.39 0.09
CA LEU E 7 12.24 -21.93 -1.24
C LEU E 7 10.74 -21.92 -1.52
N ARG E 8 9.97 -22.67 -0.72
CA ARG E 8 8.51 -22.62 -0.79
C ARG E 8 8.01 -21.19 -0.86
N GLU E 9 8.57 -20.31 -0.02
CA GLU E 9 8.25 -18.89 -0.12
C GLU E 9 8.58 -18.36 -1.52
N ASN E 10 9.75 -18.72 -2.05
CA ASN E 10 10.10 -18.33 -3.41
C ASN E 10 9.11 -18.92 -4.41
N ILE E 11 8.76 -20.19 -4.26
CA ILE E 11 7.82 -20.81 -5.19
C ILE E 11 6.51 -20.03 -5.20
N GLU E 12 5.93 -19.82 -4.02
CA GLU E 12 4.66 -19.10 -3.93
C GLU E 12 4.75 -17.73 -4.62
N LEU E 13 5.82 -16.99 -4.34
CA LEU E 13 5.99 -15.69 -4.98
C LEU E 13 6.08 -15.83 -6.50
N ALA E 14 6.87 -16.79 -6.98
CA ALA E 14 6.96 -17.01 -8.42
C ALA E 14 5.61 -17.37 -9.01
N LYS E 15 4.86 -18.25 -8.33
CA LYS E 15 3.53 -18.60 -8.80
C LYS E 15 2.65 -17.37 -8.95
N GLU E 16 2.64 -16.51 -7.93
CA GLU E 16 1.85 -15.29 -8.00
C GLU E 16 2.26 -14.44 -9.21
N HIS E 17 3.56 -14.22 -9.38
CA HIS E 17 4.04 -13.35 -10.45
C HIS E 17 3.55 -13.82 -11.81
N ILE E 18 3.68 -15.12 -12.09
CA ILE E 18 3.14 -15.66 -13.34
C ILE E 18 1.64 -15.39 -13.42
N GLU E 19 0.93 -15.62 -12.30
CA GLU E 19 -0.50 -15.39 -12.27
C GLU E 19 -0.84 -13.94 -12.59
N ILE E 20 -0.18 -13.00 -11.92
CA ILE E 20 -0.40 -11.59 -12.21
C ILE E 20 -0.14 -11.31 -13.68
N MET E 21 1.01 -11.78 -14.18
CA MET E 21 1.38 -11.51 -15.57
C MET E 21 0.27 -11.90 -16.52
N ARG E 22 -0.30 -13.09 -16.34
CA ARG E 22 -1.45 -13.48 -17.16
C ARG E 22 -2.60 -12.50 -16.97
N GLU E 23 -2.87 -12.10 -15.72
CA GLU E 23 -3.94 -11.15 -15.47
C GLU E 23 -3.66 -9.82 -16.17
N ILE E 24 -2.42 -9.32 -16.05
CA ILE E 24 -2.08 -8.05 -16.68
C ILE E 24 -2.30 -8.11 -18.19
N LEU E 25 -1.76 -9.15 -18.82
CA LEU E 25 -1.95 -9.30 -20.26
C LEU E 25 -3.42 -9.37 -20.61
N GLU E 26 -4.23 -10.01 -19.75
CA GLU E 26 -5.67 -10.05 -19.98
C GLU E 26 -6.25 -8.65 -20.03
N LEU E 27 -5.90 -7.81 -19.06
CA LEU E 27 -6.39 -6.43 -19.07
C LEU E 27 -5.89 -5.69 -20.30
N LEU E 28 -4.59 -5.76 -20.57
CA LEU E 28 -4.05 -5.17 -21.80
C LEU E 28 -4.81 -5.66 -23.02
N GLN E 29 -5.01 -6.97 -23.13
CA GLN E 29 -5.87 -7.52 -24.17
C GLN E 29 -7.23 -6.83 -24.16
N LYS E 30 -7.82 -6.66 -22.96
CA LYS E 30 -9.05 -5.90 -22.85
C LYS E 30 -8.86 -4.47 -23.32
N MET E 31 -7.76 -3.83 -22.91
CA MET E 31 -7.51 -2.46 -23.32
C MET E 31 -7.42 -2.35 -24.84
N GLU E 32 -6.69 -3.27 -25.48
CA GLU E 32 -6.57 -3.25 -26.94
C GLU E 32 -7.95 -3.32 -27.58
N GLU E 33 -8.80 -4.24 -27.11
CA GLU E 33 -10.14 -4.36 -27.67
C GLU E 33 -10.93 -3.08 -27.46
N LEU E 34 -10.88 -2.53 -26.25
CA LEU E 34 -11.61 -1.29 -25.97
C LEU E 34 -11.13 -0.15 -26.86
N LEU E 35 -9.81 0.01 -27.00
CA LEU E 35 -9.28 1.04 -27.88
C LEU E 35 -9.75 0.84 -29.31
N GLU E 36 -9.74 -0.41 -29.79
CA GLU E 36 -10.21 -0.69 -31.15
C GLU E 36 -11.67 -0.33 -31.30
N LYS E 37 -12.51 -0.72 -30.34
CA LYS E 37 -13.93 -0.33 -30.39
C LYS E 37 -14.08 1.19 -30.42
N ALA E 38 -13.37 1.88 -29.53
CA ALA E 38 -13.39 3.34 -29.51
C ALA E 38 -12.81 3.89 -30.81
N GLU E 43 -6.81 10.70 -32.85
CA GLU E 43 -6.32 9.66 -33.75
C GLU E 43 -4.84 9.38 -33.48
N ASP E 44 -4.02 10.44 -33.52
CA ASP E 44 -2.61 10.28 -33.22
C ASP E 44 -2.42 9.72 -31.81
N VAL E 45 -3.05 10.34 -30.82
CA VAL E 45 -2.95 9.86 -29.45
C VAL E 45 -3.48 8.43 -29.36
N ALA E 46 -4.73 8.23 -29.82
CA ALA E 46 -5.31 6.89 -29.81
C ALA E 46 -4.35 5.87 -30.41
N LYS E 47 -3.73 6.22 -31.54
CA LYS E 47 -2.71 5.35 -32.11
C LYS E 47 -1.56 5.13 -31.14
N THR E 48 -1.11 6.21 -30.49
CA THR E 48 0.02 6.09 -29.56
C THR E 48 -0.32 5.13 -28.43
N ILE E 49 -1.47 5.31 -27.79
CA ILE E 49 -1.85 4.43 -26.69
C ILE E 49 -1.83 2.97 -27.16
N LYS E 50 -2.40 2.71 -28.32
CA LYS E 50 -2.37 1.35 -28.87
C LYS E 50 -0.94 0.88 -29.05
N GLU E 51 -0.05 1.77 -29.47
CA GLU E 51 1.36 1.41 -29.60
C GLU E 51 1.94 1.01 -28.24
N LEU E 52 1.70 1.83 -27.21
CA LEU E 52 2.19 1.50 -25.88
C LEU E 52 1.64 0.16 -25.41
N LEU E 53 0.35 -0.08 -25.60
CA LEU E 53 -0.24 -1.36 -25.20
C LEU E 53 0.46 -2.52 -25.89
N ARG E 54 0.64 -2.44 -27.22
CA ARG E 54 1.35 -3.49 -27.93
C ARG E 54 2.76 -3.67 -27.37
N ARG E 55 3.45 -2.57 -27.07
CA ARG E 55 4.76 -2.67 -26.42
C ARG E 55 4.63 -3.39 -25.09
N LEU E 56 3.70 -2.94 -24.23
CA LEU E 56 3.50 -3.59 -22.94
C LEU E 56 3.28 -5.08 -23.10
N LYS E 57 2.32 -5.47 -23.96
CA LYS E 57 2.05 -6.89 -24.17
C LYS E 57 3.33 -7.64 -24.51
N GLU E 58 4.15 -7.10 -25.41
CA GLU E 58 5.42 -7.74 -25.75
C GLU E 58 6.30 -7.88 -24.51
N ILE E 59 6.50 -6.79 -23.78
CA ILE E 59 7.20 -6.87 -22.51
C ILE E 59 6.55 -7.92 -21.63
N ILE E 60 5.23 -7.81 -21.45
CA ILE E 60 4.50 -8.78 -20.63
C ILE E 60 4.82 -10.20 -21.05
N GLU E 61 4.87 -10.45 -22.36
CA GLU E 61 5.25 -11.77 -22.85
C GLU E 61 6.68 -12.11 -22.43
N ARG E 62 7.61 -11.17 -22.63
CA ARG E 62 8.99 -11.41 -22.25
C ARG E 62 9.11 -11.70 -20.76
N ASN E 63 8.39 -10.94 -19.93
CA ASN E 63 8.47 -11.14 -18.49
C ASN E 63 7.96 -12.52 -18.10
N GLN E 64 6.83 -12.93 -18.66
CA GLN E 64 6.30 -14.27 -18.37
C GLN E 64 7.35 -15.34 -18.66
N ARG E 65 7.97 -15.29 -19.84
CA ARG E 65 9.06 -16.21 -20.14
C ARG E 65 10.15 -16.11 -19.09
N ILE E 66 10.55 -14.88 -18.74
CA ILE E 66 11.55 -14.69 -17.71
C ILE E 66 11.13 -15.39 -16.42
N ALA E 67 9.90 -15.13 -15.97
CA ALA E 67 9.39 -15.82 -14.78
C ALA E 67 9.39 -17.33 -14.99
N LYS E 68 8.99 -17.77 -16.19
CA LYS E 68 9.03 -19.21 -16.49
C LYS E 68 10.45 -19.75 -16.34
N GLU E 69 11.44 -19.05 -16.91
CA GLU E 69 12.82 -19.47 -16.75
C GLU E 69 13.21 -19.53 -15.28
N HIS E 70 12.85 -18.49 -14.52
CA HIS E 70 13.12 -18.50 -13.07
C HIS E 70 12.62 -19.79 -12.44
N GLU E 71 11.41 -20.23 -12.80
CA GLU E 71 10.87 -21.45 -12.23
C GLU E 71 11.77 -22.65 -12.54
N TYR E 72 12.32 -22.70 -13.77
CA TYR E 72 13.21 -23.80 -14.12
C TYR E 72 14.42 -23.83 -13.18
N ILE E 73 15.01 -22.67 -12.90
CA ILE E 73 16.10 -22.60 -11.93
C ILE E 73 15.62 -23.09 -10.57
N ALA E 74 14.44 -22.63 -10.14
CA ALA E 74 13.89 -23.07 -8.86
C ALA E 74 13.71 -24.58 -8.84
N ARG E 75 13.14 -25.13 -9.93
CA ARG E 75 12.94 -26.58 -10.01
C ARG E 75 14.27 -27.31 -9.84
N GLU E 76 15.30 -26.88 -10.58
CA GLU E 76 16.61 -27.50 -10.44
C GLU E 76 17.12 -27.41 -9.01
N ARG E 77 16.99 -26.23 -8.38
CA ARG E 77 17.41 -26.08 -7.00
C ARG E 77 16.62 -27.00 -6.08
N SER E 78 15.30 -27.03 -6.24
CA SER E 78 14.44 -27.87 -5.43
C SER E 78 14.82 -29.34 -5.59
N LEU F 6 23.86 -20.67 -8.10
CA LEU F 6 23.41 -19.75 -9.15
C LEU F 6 22.44 -18.72 -8.60
N LEU F 7 22.61 -18.38 -7.31
CA LEU F 7 21.74 -17.38 -6.70
C LEU F 7 21.83 -16.05 -7.44
N GLU F 8 23.04 -15.65 -7.83
CA GLU F 8 23.19 -14.42 -8.62
C GLU F 8 22.46 -14.54 -9.94
N ARG F 9 22.51 -15.72 -10.57
CA ARG F 9 21.78 -15.94 -11.82
C ARG F 9 20.27 -15.74 -11.59
N SER F 10 19.73 -16.37 -10.55
CA SER F 10 18.32 -16.16 -10.22
C SER F 10 18.03 -14.68 -9.99
N ARG F 11 18.83 -14.03 -9.15
CA ARG F 11 18.64 -12.60 -8.91
C ARG F 11 18.85 -11.80 -10.18
N ARG F 12 19.86 -12.18 -10.99
CA ARG F 12 20.11 -11.47 -12.24
C ARG F 12 18.86 -11.47 -13.12
N LEU F 13 18.25 -12.64 -13.31
CA LEU F 13 17.00 -12.70 -14.07
C LEU F 13 15.92 -11.85 -13.42
N GLN F 14 15.79 -11.94 -12.10
CA GLN F 14 14.81 -11.10 -11.39
C GLN F 14 15.05 -9.63 -11.68
N GLU F 15 16.30 -9.19 -11.61
CA GLU F 15 16.62 -7.78 -11.84
C GLU F 15 16.06 -7.31 -13.17
N GLU F 16 16.15 -8.13 -14.20
CA GLU F 16 15.56 -7.76 -15.48
C GLU F 16 14.05 -7.61 -15.37
N SER F 17 13.42 -8.53 -14.64
CA SER F 17 11.98 -8.45 -14.43
C SER F 17 11.59 -7.14 -13.74
N LYS F 18 12.35 -6.76 -12.71
CA LYS F 18 12.10 -5.47 -12.05
C LYS F 18 12.28 -4.31 -13.01
N ARG F 19 13.38 -4.33 -13.79
CA ARG F 19 13.59 -3.32 -14.81
C ARG F 19 12.39 -3.25 -15.75
N LEU F 20 11.90 -4.42 -16.19
CA LEU F 20 10.69 -4.44 -17.01
C LEU F 20 9.51 -3.80 -16.29
N LEU F 21 9.32 -4.16 -15.03
CA LEU F 21 8.21 -3.61 -14.26
C LEU F 21 8.29 -2.09 -14.19
N ASP F 22 9.48 -1.55 -13.91
CA ASP F 22 9.66 -0.10 -13.96
C ASP F 22 9.27 0.44 -15.34
N GLU F 23 9.71 -0.23 -16.40
CA GLU F 23 9.30 0.16 -17.74
C GLU F 23 7.78 0.11 -17.88
N MET F 24 7.17 -0.98 -17.41
CA MET F 24 5.72 -1.11 -17.46
C MET F 24 5.04 0.07 -16.76
N ALA F 25 5.38 0.28 -15.49
CA ALA F 25 4.75 1.36 -14.73
C ALA F 25 4.98 2.70 -15.40
N GLU F 26 6.21 2.97 -15.85
CA GLU F 26 6.49 4.22 -16.55
C GLU F 26 5.61 4.36 -17.78
N ILE F 27 5.48 3.30 -18.58
CA ILE F 27 4.57 3.32 -19.72
C ILE F 27 3.17 3.65 -19.26
N MET F 28 2.67 2.92 -18.25
CA MET F 28 1.31 3.13 -17.77
C MET F 28 1.08 4.60 -17.43
N ARG F 29 2.00 5.20 -16.67
CA ARG F 29 1.89 6.62 -16.36
C ARG F 29 1.76 7.44 -17.64
N ARG F 30 2.64 7.19 -18.61
CA ARG F 30 2.58 7.90 -19.88
C ARG F 30 1.22 7.70 -20.54
N ILE F 31 0.78 6.45 -20.64
CA ILE F 31 -0.55 6.17 -21.20
C ILE F 31 -1.61 6.95 -20.44
N LYS F 32 -1.50 7.00 -19.11
CA LYS F 32 -2.42 7.79 -18.31
C LYS F 32 -2.40 9.25 -18.74
N LYS F 33 -1.18 9.82 -18.88
CA LYS F 33 -1.07 11.20 -19.33
C LYS F 33 -1.74 11.41 -20.68
N LEU F 34 -1.36 10.61 -21.67
CA LEU F 34 -1.95 10.75 -23.00
C LEU F 34 -3.46 10.56 -22.96
N LEU F 35 -3.93 9.62 -22.14
CA LEU F 35 -5.37 9.38 -22.03
C LEU F 35 -6.10 10.66 -21.65
N LYS F 36 -5.62 11.35 -20.60
CA LYS F 36 -6.26 12.59 -20.18
C LYS F 36 -6.31 13.60 -21.33
N LYS F 37 -5.17 13.85 -21.96
CA LYS F 37 -5.14 14.82 -23.06
C LYS F 37 -6.07 14.40 -24.18
N ALA F 38 -6.07 13.11 -24.53
CA ALA F 38 -6.90 12.62 -25.63
C ALA F 38 -8.38 12.89 -25.35
N ASP F 42 -15.52 7.96 -25.99
CA ASP F 42 -16.62 8.34 -25.11
C ASP F 42 -16.19 8.23 -23.65
N GLU F 43 -16.87 8.98 -22.77
CA GLU F 43 -16.46 9.06 -21.38
C GLU F 43 -16.48 7.69 -20.71
N LYS F 44 -17.50 6.88 -21.01
CA LYS F 44 -17.60 5.55 -20.42
C LYS F 44 -16.32 4.76 -20.68
N VAL F 45 -15.93 4.65 -21.95
CA VAL F 45 -14.72 3.91 -22.30
C VAL F 45 -13.51 4.49 -21.59
N LEU F 46 -13.33 5.81 -21.67
CA LEU F 46 -12.17 6.45 -21.05
C LEU F 46 -12.10 6.12 -19.57
N ASP F 47 -13.18 6.39 -18.82
CA ASP F 47 -13.22 6.00 -17.42
C ASP F 47 -12.98 4.50 -17.26
N GLU F 48 -13.59 3.70 -18.13
CA GLU F 48 -13.32 2.26 -18.12
C GLU F 48 -11.83 1.99 -18.29
N LEU F 49 -11.19 2.66 -19.26
CA LEU F 49 -9.75 2.48 -19.46
C LEU F 49 -8.98 2.88 -18.21
N ARG F 50 -9.30 4.05 -17.63
CA ARG F 50 -8.60 4.52 -16.45
C ARG F 50 -8.63 3.47 -15.34
N LYS F 51 -9.80 2.86 -15.11
CA LYS F 51 -9.90 1.80 -14.12
C LYS F 51 -9.00 0.63 -14.49
N ILE F 52 -8.99 0.25 -15.77
CA ILE F 52 -8.12 -0.85 -16.21
C ILE F 52 -6.66 -0.50 -15.93
N ILE F 53 -6.21 0.66 -16.39
CA ILE F 53 -4.83 1.08 -16.13
C ILE F 53 -4.55 1.08 -14.63
N GLU F 54 -5.50 1.59 -13.83
CA GLU F 54 -5.33 1.58 -12.39
C GLU F 54 -5.19 0.14 -11.87
N ARG F 55 -6.05 -0.76 -12.33
CA ARG F 55 -5.92 -2.16 -11.95
C ARG F 55 -4.58 -2.72 -12.40
N ILE F 56 -4.14 -2.37 -13.61
CA ILE F 56 -2.82 -2.79 -14.07
C ILE F 56 -1.75 -2.23 -13.14
N ARG F 57 -1.82 -0.93 -12.86
CA ARG F 57 -0.84 -0.32 -11.96
C ARG F 57 -0.79 -1.05 -10.62
N GLU F 58 -1.96 -1.41 -10.09
CA GLU F 58 -1.99 -2.16 -8.83
C GLU F 58 -1.25 -3.48 -8.96
N LEU F 59 -1.57 -4.25 -10.00
CA LEU F 59 -0.91 -5.53 -10.21
C LEU F 59 0.61 -5.34 -10.33
N LEU F 60 1.04 -4.34 -11.10
CA LEU F 60 2.47 -4.08 -11.24
C LEU F 60 3.11 -3.79 -9.89
N ASP F 61 2.48 -2.92 -9.10
CA ASP F 61 3.02 -2.62 -7.77
C ASP F 61 3.13 -3.88 -6.93
N ARG F 62 2.13 -4.75 -6.98
CA ARG F 62 2.20 -6.01 -6.26
C ARG F 62 3.41 -6.83 -6.73
N SER F 63 3.61 -6.92 -8.05
CA SER F 63 4.76 -7.63 -8.58
C SER F 63 6.05 -7.03 -8.04
N ARG F 64 6.17 -5.70 -8.09
CA ARG F 64 7.35 -5.03 -7.54
C ARG F 64 7.61 -5.46 -6.12
N LYS F 65 6.58 -5.42 -5.26
CA LYS F 65 6.74 -5.86 -3.88
C LYS F 65 7.20 -7.30 -3.82
N ILE F 66 6.60 -8.18 -4.63
CA ILE F 66 6.99 -9.59 -4.63
C ILE F 66 8.48 -9.73 -4.94
N HIS F 67 8.98 -8.95 -5.92
CA HIS F 67 10.39 -9.00 -6.24
C HIS F 67 11.25 -8.59 -5.05
N GLU F 68 10.78 -7.61 -4.27
CA GLU F 68 11.50 -7.21 -3.07
C GLU F 68 11.56 -8.37 -2.07
N ARG F 69 10.43 -9.01 -1.82
CA ARG F 69 10.43 -10.24 -1.02
C ARG F 69 11.37 -11.27 -1.61
N SER F 70 11.40 -11.38 -2.94
CA SER F 70 12.40 -12.24 -3.60
C SER F 70 13.81 -11.78 -3.25
N GLU F 71 14.02 -10.47 -3.09
CA GLU F 71 15.30 -9.99 -2.58
C GLU F 71 15.60 -10.61 -1.22
N GLU F 72 14.62 -10.63 -0.33
CA GLU F 72 14.78 -11.36 0.94
C GLU F 72 15.07 -12.83 0.68
N ILE F 73 14.37 -13.43 -0.29
CA ILE F 73 14.60 -14.83 -0.62
C ILE F 73 16.06 -15.05 -1.00
N ALA F 74 16.60 -14.16 -1.84
CA ALA F 74 18.01 -14.25 -2.21
C ALA F 74 18.90 -14.18 -0.98
N TYR F 75 18.67 -13.18 -0.12
CA TYR F 75 19.48 -13.05 1.09
C TYR F 75 19.35 -14.28 1.96
N LYS F 76 18.12 -14.75 2.18
CA LYS F 76 17.92 -15.96 2.98
C LYS F 76 18.61 -17.16 2.35
N GLU F 77 18.51 -17.29 1.02
CA GLU F 77 19.16 -18.39 0.30
C GLU F 77 20.66 -18.39 0.55
N ARG G 3 -11.64 21.24 -9.60
CA ARG G 3 -10.81 22.21 -10.31
C ARG G 3 -10.02 23.05 -9.31
N GLU G 4 -10.67 24.06 -8.73
CA GLU G 4 -10.04 24.81 -7.65
C GLU G 4 -9.69 23.89 -6.49
N GLU G 5 -10.59 22.96 -6.17
CA GLU G 5 -10.27 21.92 -5.20
C GLU G 5 -8.99 21.20 -5.58
N LEU G 6 -8.72 21.06 -6.89
CA LEU G 6 -7.46 20.47 -7.33
C LEU G 6 -6.28 21.31 -6.86
N LEU G 7 -6.36 22.62 -7.05
CA LEU G 7 -5.27 23.50 -6.61
C LEU G 7 -5.04 23.37 -5.12
N ARG G 8 -6.11 23.45 -4.33
CA ARG G 8 -5.98 23.27 -2.88
C ARG G 8 -5.37 21.91 -2.56
N GLU G 9 -5.83 20.86 -3.24
CA GLU G 9 -5.32 19.52 -2.95
C GLU G 9 -3.85 19.39 -3.32
N ASN G 10 -3.43 20.04 -4.40
CA ASN G 10 -2.03 19.96 -4.81
C ASN G 10 -1.12 20.54 -3.73
N ILE G 11 -1.44 21.76 -3.25
CA ILE G 11 -0.66 22.36 -2.18
C ILE G 11 -0.61 21.42 -0.98
N GLU G 12 -1.73 20.77 -0.66
CA GLU G 12 -1.75 19.82 0.44
C GLU G 12 -0.78 18.67 0.18
N LEU G 13 -0.79 18.12 -1.04
CA LEU G 13 0.11 17.02 -1.37
C LEU G 13 1.56 17.43 -1.15
N ALA G 14 1.97 18.58 -1.70
CA ALA G 14 3.34 19.04 -1.54
C ALA G 14 3.68 19.23 -0.06
N LYS G 15 2.75 19.80 0.72
CA LYS G 15 2.97 19.95 2.14
C LYS G 15 3.21 18.60 2.80
N GLU G 16 2.37 17.62 2.49
CA GLU G 16 2.59 16.28 3.01
C GLU G 16 3.96 15.75 2.61
N HIS G 17 4.35 15.93 1.35
CA HIS G 17 5.66 15.46 0.90
C HIS G 17 6.75 16.01 1.80
N ILE G 18 6.80 17.33 1.96
CA ILE G 18 7.77 17.93 2.88
C ILE G 18 7.73 17.22 4.22
N GLU G 19 6.54 17.17 4.83
CA GLU G 19 6.39 16.57 6.15
C GLU G 19 7.00 15.17 6.19
N ILE G 20 6.68 14.34 5.20
CA ILE G 20 7.32 13.03 5.10
C ILE G 20 8.84 13.20 4.98
N MET G 21 9.28 14.06 4.05
CA MET G 21 10.70 14.25 3.85
C MET G 21 11.38 14.74 5.12
N ARG G 22 10.74 15.65 5.85
CA ARG G 22 11.30 16.12 7.11
C ARG G 22 11.46 14.97 8.09
N GLU G 23 10.41 14.15 8.24
CA GLU G 23 10.49 13.01 9.16
C GLU G 23 11.68 12.11 8.80
N ILE G 24 11.87 11.84 7.51
CA ILE G 24 13.00 11.01 7.11
C ILE G 24 14.30 11.65 7.55
N LEU G 25 14.43 12.97 7.35
CA LEU G 25 15.65 13.67 7.73
C LEU G 25 16.04 13.34 9.17
N GLU G 26 15.08 13.49 10.09
CA GLU G 26 15.35 13.12 11.48
C GLU G 26 15.72 11.65 11.59
N LEU G 27 14.97 10.78 10.90
CA LEU G 27 15.29 9.35 10.91
C LEU G 27 16.72 9.13 10.47
N LEU G 28 17.09 9.67 9.30
CA LEU G 28 18.46 9.52 8.82
C LEU G 28 19.45 10.06 9.84
N GLN G 29 19.15 11.23 10.43
CA GLN G 29 20.03 11.78 11.45
C GLN G 29 20.25 10.78 12.59
N LYS G 30 19.16 10.20 13.10
CA LYS G 30 19.28 9.15 14.11
C LYS G 30 20.13 8.00 13.58
N MET G 31 19.91 7.60 12.33
CA MET G 31 20.69 6.52 11.75
C MET G 31 22.17 6.85 11.75
N GLU G 32 22.53 8.03 11.26
CA GLU G 32 23.93 8.42 11.16
C GLU G 32 24.64 8.26 12.50
N GLU G 33 24.02 8.77 13.57
CA GLU G 33 24.61 8.64 14.90
C GLU G 33 24.80 7.17 15.27
N LEU G 34 23.76 6.36 15.10
CA LEU G 34 23.86 4.94 15.39
C LEU G 34 24.98 4.30 14.57
N LEU G 35 25.03 4.59 13.28
CA LEU G 35 26.08 4.04 12.43
C LEU G 35 27.46 4.40 12.96
N GLU G 36 27.69 5.68 13.26
CA GLU G 36 29.01 6.11 13.69
C GLU G 36 29.46 5.36 14.93
N LYS G 37 28.56 5.17 15.90
CA LYS G 37 28.91 4.46 17.12
C LYS G 37 29.43 3.05 16.80
N ALA G 38 28.76 2.36 15.89
CA ALA G 38 29.17 1.01 15.49
C ALA G 38 30.61 1.02 15.01
N GLU G 43 34.23 -2.51 9.14
CA GLU G 43 34.62 -1.12 8.89
C GLU G 43 34.17 -0.67 7.50
N ASP G 44 34.60 -1.40 6.48
CA ASP G 44 34.25 -1.03 5.11
C ASP G 44 32.73 -1.04 4.92
N VAL G 45 32.05 -2.05 5.45
CA VAL G 45 30.59 -2.10 5.35
C VAL G 45 29.99 -0.84 5.97
N ALA G 46 30.43 -0.48 7.18
CA ALA G 46 30.02 0.77 7.79
C ALA G 46 30.30 1.95 6.87
N LYS G 47 31.51 2.00 6.31
CA LYS G 47 31.88 3.07 5.40
C LYS G 47 30.91 3.14 4.22
N THR G 48 30.63 1.99 3.60
CA THR G 48 29.67 1.96 2.49
C THR G 48 28.32 2.51 2.94
N ILE G 49 27.83 2.05 4.09
CA ILE G 49 26.57 2.55 4.61
C ILE G 49 26.65 4.06 4.83
N LYS G 50 27.74 4.52 5.45
CA LYS G 50 27.90 5.96 5.71
C LYS G 50 27.85 6.75 4.40
N GLU G 51 28.66 6.35 3.42
CA GLU G 51 28.61 7.02 2.12
C GLU G 51 27.22 6.96 1.53
N LEU G 52 26.58 5.79 1.56
CA LEU G 52 25.20 5.68 1.10
C LEU G 52 24.28 6.66 1.83
N LEU G 53 24.42 6.73 3.16
CA LEU G 53 23.58 7.64 3.93
C LEU G 53 23.80 9.09 3.52
N ARG G 54 25.07 9.49 3.33
CA ARG G 54 25.36 10.86 2.94
C ARG G 54 24.75 11.17 1.57
N ARG G 55 24.93 10.26 0.61
CA ARG G 55 24.34 10.44 -0.71
C ARG G 55 22.82 10.61 -0.58
N LEU G 56 22.17 9.72 0.17
CA LEU G 56 20.73 9.81 0.35
C LEU G 56 20.34 11.13 0.99
N LYS G 57 21.00 11.48 2.10
CA LYS G 57 20.70 12.75 2.78
C LYS G 57 20.73 13.91 1.79
N GLU G 58 21.77 13.97 0.96
CA GLU G 58 21.84 15.01 -0.06
C GLU G 58 20.66 14.92 -1.00
N ILE G 59 20.32 13.71 -1.46
CA ILE G 59 19.20 13.53 -2.38
C ILE G 59 17.90 13.92 -1.70
N ILE G 60 17.77 13.63 -0.40
CA ILE G 60 16.57 14.04 0.33
C ILE G 60 16.45 15.55 0.31
N GLU G 61 17.50 16.25 0.73
CA GLU G 61 17.42 17.70 0.87
C GLU G 61 16.94 18.35 -0.41
N ARG G 62 17.53 17.99 -1.56
CA ARG G 62 17.08 18.55 -2.82
C ARG G 62 15.68 18.06 -3.18
N ASN G 63 15.34 16.83 -2.78
CA ASN G 63 13.97 16.35 -2.97
C ASN G 63 12.98 17.23 -2.21
N GLN G 64 13.29 17.53 -0.94
CA GLN G 64 12.46 18.46 -0.19
C GLN G 64 12.42 19.83 -0.85
N ARG G 65 13.57 20.28 -1.37
CA ARG G 65 13.60 21.54 -2.10
C ARG G 65 12.66 21.49 -3.29
N ILE G 66 12.71 20.40 -4.08
CA ILE G 66 11.79 20.24 -5.20
C ILE G 66 10.35 20.29 -4.71
N ALA G 67 10.05 19.60 -3.60
CA ALA G 67 8.73 19.70 -3.00
C ALA G 67 8.41 21.13 -2.59
N LYS G 68 9.33 21.78 -1.88
CA LYS G 68 9.13 23.16 -1.48
C LYS G 68 8.93 24.05 -2.71
N GLU G 69 9.76 23.88 -3.74
CA GLU G 69 9.57 24.63 -4.97
C GLU G 69 8.21 24.35 -5.58
N HIS G 70 7.78 23.10 -5.58
CA HIS G 70 6.43 22.77 -6.02
C HIS G 70 5.38 23.54 -5.21
N GLU G 71 5.58 23.62 -3.89
CA GLU G 71 4.68 24.40 -3.06
C GLU G 71 4.69 25.87 -3.46
N TYR G 72 5.89 26.44 -3.61
CA TYR G 72 6.01 27.85 -3.98
C TYR G 72 5.33 28.11 -5.32
N ILE G 73 5.65 27.32 -6.34
CA ILE G 73 5.03 27.48 -7.65
C ILE G 73 3.52 27.36 -7.53
N ALA G 74 3.06 26.33 -6.82
CA ALA G 74 1.62 26.11 -6.68
C ALA G 74 0.94 27.31 -6.01
N ARG G 75 1.48 27.76 -4.87
CA ARG G 75 0.88 28.88 -4.17
C ARG G 75 0.84 30.13 -5.05
N GLU G 76 1.93 30.41 -5.76
CA GLU G 76 1.94 31.55 -6.66
C GLU G 76 0.84 31.43 -7.72
N ARG G 77 0.80 30.30 -8.42
CA ARG G 77 -0.21 30.08 -9.44
C ARG G 77 -1.62 30.19 -8.85
N LYS H 5 2.15 27.20 -18.37
CA LYS H 5 3.53 27.58 -18.69
C LYS H 5 4.50 26.84 -17.78
N LEU H 6 4.33 27.02 -16.47
CA LEU H 6 5.20 26.45 -15.45
C LEU H 6 4.62 25.18 -14.88
N LEU H 7 3.31 24.99 -15.04
CA LEU H 7 2.71 23.66 -14.93
C LEU H 7 3.67 22.65 -15.53
N GLU H 8 4.32 23.04 -16.63
CA GLU H 8 5.46 22.28 -17.15
C GLU H 8 6.57 22.20 -16.11
N ARG H 9 7.07 23.36 -15.66
CA ARG H 9 8.14 23.40 -14.66
C ARG H 9 7.91 22.37 -13.56
N SER H 10 6.68 22.27 -13.07
CA SER H 10 6.35 21.24 -12.10
C SER H 10 6.55 19.86 -12.69
N ARG H 11 6.19 19.68 -13.97
CA ARG H 11 6.32 18.36 -14.60
C ARG H 11 7.77 17.92 -14.63
N ARG H 12 8.67 18.80 -15.05
CA ARG H 12 10.10 18.48 -15.02
C ARG H 12 10.55 18.17 -13.60
N LEU H 13 10.17 19.02 -12.64
CA LEU H 13 10.52 18.77 -11.25
C LEU H 13 9.95 17.44 -10.79
N GLN H 14 8.66 17.20 -11.07
CA GLN H 14 8.04 15.94 -10.66
C GLN H 14 8.79 14.75 -11.24
N GLU H 15 9.17 14.83 -12.51
CA GLU H 15 9.97 13.76 -13.11
C GLU H 15 11.27 13.56 -12.34
N GLU H 16 11.97 14.66 -12.04
CA GLU H 16 13.19 14.56 -11.24
C GLU H 16 12.91 13.88 -9.90
N SER H 17 11.82 14.28 -9.24
CA SER H 17 11.44 13.64 -7.99
C SER H 17 11.34 12.13 -8.15
N LYS H 18 10.69 11.66 -9.23
CA LYS H 18 10.56 10.24 -9.46
C LYS H 18 11.92 9.56 -9.49
N ARG H 19 12.85 10.08 -10.31
CA ARG H 19 14.19 9.50 -10.38
C ARG H 19 14.83 9.45 -9.01
N LEU H 20 14.75 10.55 -8.27
CA LEU H 20 15.30 10.58 -6.91
C LEU H 20 14.65 9.50 -6.06
N LEU H 21 13.31 9.53 -5.95
CA LEU H 21 12.61 8.56 -5.12
C LEU H 21 13.05 7.14 -5.42
N ASP H 22 13.18 6.80 -6.71
CA ASP H 22 13.66 5.47 -7.07
C ASP H 22 15.08 5.25 -6.55
N GLU H 23 15.95 6.24 -6.69
CA GLU H 23 17.31 6.11 -6.17
C GLU H 23 17.29 5.82 -4.68
N MET H 24 16.44 6.51 -3.93
CA MET H 24 16.34 6.28 -2.49
C MET H 24 15.89 4.86 -2.20
N ALA H 25 14.83 4.40 -2.88
CA ALA H 25 14.38 3.02 -2.74
C ALA H 25 15.53 2.05 -2.94
N GLU H 26 16.32 2.25 -4.00
CA GLU H 26 17.49 1.42 -4.22
C GLU H 26 18.43 1.49 -3.02
N ILE H 27 18.69 2.70 -2.51
CA ILE H 27 19.57 2.84 -1.35
C ILE H 27 19.00 2.09 -0.15
N MET H 28 17.70 2.23 0.09
CA MET H 28 17.07 1.56 1.23
C MET H 28 17.27 0.05 1.13
N ARG H 29 16.95 -0.54 -0.03
CA ARG H 29 17.11 -1.98 -0.20
C ARG H 29 18.56 -2.40 0.02
N ARG H 30 19.50 -1.69 -0.62
CA ARG H 30 20.91 -1.99 -0.45
C ARG H 30 21.29 -2.05 1.03
N ILE H 31 21.00 -0.98 1.77
CA ILE H 31 21.38 -0.92 3.18
C ILE H 31 20.76 -2.07 3.95
N LYS H 32 19.52 -2.45 3.59
CA LYS H 32 18.87 -3.57 4.27
C LYS H 32 19.73 -4.82 4.20
N LYS H 33 20.18 -5.19 3.00
CA LYS H 33 21.11 -6.31 2.88
C LYS H 33 22.41 -6.03 3.64
N LEU H 34 22.90 -4.79 3.56
CA LEU H 34 24.13 -4.43 4.25
C LEU H 34 23.99 -4.63 5.76
N LEU H 35 22.89 -4.15 6.33
CA LEU H 35 22.66 -4.33 7.77
C LEU H 35 22.63 -5.81 8.13
N LYS H 36 21.89 -6.61 7.38
CA LYS H 36 21.84 -8.05 7.64
C LYS H 36 23.22 -8.67 7.57
N LYS H 37 24.03 -8.28 6.59
CA LYS H 37 25.35 -8.87 6.44
C LYS H 37 26.30 -8.39 7.52
N ALA H 38 26.26 -7.10 7.85
CA ALA H 38 27.17 -6.53 8.83
C ALA H 38 27.07 -7.26 10.17
N VAL H 45 21.65 -3.18 18.51
CA VAL H 45 21.95 -2.07 17.61
C VAL H 45 21.32 -2.32 16.25
N LEU H 46 21.73 -3.42 15.60
CA LEU H 46 21.28 -3.70 14.25
C LEU H 46 19.76 -3.72 14.16
N ASP H 47 19.10 -4.32 15.15
CA ASP H 47 17.64 -4.38 15.13
C ASP H 47 17.04 -2.98 15.15
N GLU H 48 17.56 -2.09 16.01
CA GLU H 48 17.07 -0.72 16.04
C GLU H 48 17.24 -0.05 14.69
N LEU H 49 18.44 -0.16 14.09
CA LEU H 49 18.67 0.43 12.77
C LEU H 49 17.75 -0.20 11.73
N ARG H 50 17.61 -1.53 11.76
CA ARG H 50 16.69 -2.19 10.83
C ARG H 50 15.27 -1.66 11.01
N LYS H 51 14.82 -1.53 12.27
CA LYS H 51 13.51 -0.98 12.54
C LYS H 51 13.33 0.35 11.84
N ILE H 52 14.30 1.25 12.00
CA ILE H 52 14.29 2.46 11.18
C ILE H 52 14.14 2.11 9.69
N ILE H 53 15.13 1.41 9.14
CA ILE H 53 15.17 0.99 7.75
C ILE H 53 13.79 0.53 7.33
N GLU H 54 13.16 -0.31 8.15
CA GLU H 54 11.77 -0.67 7.90
C GLU H 54 10.88 0.57 7.90
N ARG H 55 10.99 1.40 8.95
CA ARG H 55 10.19 2.61 9.03
C ARG H 55 10.44 3.50 7.81
N ILE H 56 11.70 3.71 7.44
CA ILE H 56 12.02 4.55 6.30
C ILE H 56 11.35 4.00 5.04
N ARG H 57 11.61 2.71 4.75
CA ARG H 57 11.08 2.11 3.53
C ARG H 57 9.59 2.36 3.40
N GLU H 58 8.83 2.23 4.50
CA GLU H 58 7.42 2.52 4.46
C GLU H 58 7.17 3.96 4.04
N LEU H 59 7.88 4.90 4.66
CA LEU H 59 7.72 6.31 4.31
C LEU H 59 7.99 6.56 2.83
N LEU H 60 9.07 5.96 2.30
CA LEU H 60 9.36 6.08 0.88
C LEU H 60 8.19 5.58 0.04
N ASP H 61 7.63 4.42 0.41
CA ASP H 61 6.47 3.90 -0.30
C ASP H 61 5.33 4.90 -0.29
N ARG H 62 5.03 5.46 0.90
CA ARG H 62 4.04 6.52 0.99
C ARG H 62 4.38 7.66 0.04
N SER H 63 5.62 8.16 0.14
CA SER H 63 6.04 9.27 -0.73
C SER H 63 5.97 8.86 -2.20
N ARG H 64 6.33 7.62 -2.51
CA ARG H 64 6.20 7.14 -3.88
C ARG H 64 4.77 7.27 -4.37
N LYS H 65 3.81 6.78 -3.57
CA LYS H 65 2.40 6.93 -3.92
C LYS H 65 2.00 8.38 -4.03
N ILE H 66 2.60 9.27 -3.23
CA ILE H 66 2.30 10.69 -3.32
C ILE H 66 2.65 11.20 -4.72
N HIS H 67 3.91 11.05 -5.12
CA HIS H 67 4.37 11.47 -6.44
C HIS H 67 3.40 11.01 -7.51
N GLU H 68 2.81 9.83 -7.32
CA GLU H 68 1.77 9.37 -8.24
C GLU H 68 0.60 10.36 -8.26
N ARG H 69 0.18 10.83 -7.09
CA ARG H 69 -0.92 11.78 -7.01
C ARG H 69 -0.58 13.05 -7.79
N SER H 70 0.64 13.56 -7.62
CA SER H 70 1.07 14.72 -8.39
C SER H 70 1.08 14.41 -9.88
N GLU H 71 1.60 13.23 -10.25
CA GLU H 71 1.57 12.83 -11.64
C GLU H 71 0.15 12.74 -12.18
N GLU H 72 -0.78 12.24 -11.35
CA GLU H 72 -2.17 12.21 -11.77
C GLU H 72 -2.69 13.61 -12.07
N ILE H 73 -2.30 14.60 -11.27
CA ILE H 73 -2.69 15.98 -11.50
C ILE H 73 -2.19 16.42 -12.88
#